data_3KQV
#
_entry.id   3KQV
#
_cell.length_a   94.379
_cell.length_b   94.379
_cell.length_c   189.345
_cell.angle_alpha   90.000
_cell.angle_beta   90.000
_cell.angle_gamma   90.000
#
_symmetry.space_group_name_H-M   'P 43 21 2'
#
loop_
_entity.id
_entity.type
_entity.pdbx_description
1 polymer 'Phenylethanolamine N-methyltransferase'
2 non-polymer S-ADENOSYL-L-HOMOCYSTEINE
3 non-polymer FORMANILIDE
4 water water
#
_entity_poly.entity_id   1
_entity_poly.type   'polypeptide(L)'
_entity_poly.pdbx_seq_one_letter_code
;MSGADRSPNAGAAPDSAPGQAAVASAYQRFEPRAYLRNNYAPPRGDLCNPNGVGPWKLRCLAQTFATGEVSGRTLIDIGS
GPTVYQLLSACSHFEDITMTDFLEVNRQELGRWLQEEPGAFNWSMYSQHACLIEGKGECWQDKERQLRARVKRVLPIDVH
QPQPLGAGSPAPLPADALVSAFCLEAVSPDLASFQRALDHITTLLRPGGHLLLIGALEESWYLAGEARLTVVPVSEEEVR
EALVRSGYKVRDLRTYIMPAHLQTGVDDVKGVFFAWAQKVGLEHHHHHH
;
_entity_poly.pdbx_strand_id   A,B
#
loop_
_chem_comp.id
_chem_comp.type
_chem_comp.name
_chem_comp.formula
FAN non-polymer FORMANILIDE 'C7 H7 N O'
SAH non-polymer S-ADENOSYL-L-HOMOCYSTEINE 'C14 H20 N6 O5 S'
#
# COMPACT_ATOMS: atom_id res chain seq x y z
N ALA A 24 34.43 -3.71 18.88
CA ALA A 24 34.47 -5.14 18.61
C ALA A 24 33.81 -5.93 19.76
N SER A 25 34.25 -5.64 20.97
CA SER A 25 33.66 -6.24 22.16
C SER A 25 32.41 -5.46 22.55
N ALA A 26 32.32 -4.23 22.04
CA ALA A 26 31.15 -3.40 22.27
C ALA A 26 29.93 -4.02 21.59
N TYR A 27 30.15 -4.59 20.41
CA TYR A 27 29.06 -5.18 19.65
C TYR A 27 28.51 -6.45 20.28
N GLN A 28 29.20 -6.95 21.30
CA GLN A 28 28.75 -8.17 21.96
C GLN A 28 27.53 -7.93 22.85
N ARG A 29 27.24 -6.65 23.12
CA ARG A 29 26.05 -6.29 23.90
C ARG A 29 24.96 -5.70 22.99
N PHE A 30 25.25 -5.61 21.70
CA PHE A 30 24.33 -5.07 20.71
C PHE A 30 23.00 -5.83 20.75
N GLU A 31 21.90 -5.12 21.05
CA GLU A 31 20.56 -5.73 21.06
C GLU A 31 19.76 -5.39 19.80
N PRO A 32 19.57 -6.37 18.91
CA PRO A 32 18.82 -6.16 17.66
C PRO A 32 17.47 -5.46 17.85
N ARG A 33 16.69 -5.86 18.85
CA ARG A 33 15.36 -5.28 19.03
C ARG A 33 15.44 -3.82 19.44
N ALA A 34 16.43 -3.49 20.28
CA ALA A 34 16.66 -2.11 20.68
C ALA A 34 17.04 -1.27 19.47
N TYR A 35 17.93 -1.81 18.63
CA TYR A 35 18.35 -1.11 17.41
C TYR A 35 17.18 -0.83 16.46
N LEU A 36 16.35 -1.85 16.24
CA LEU A 36 15.19 -1.71 15.37
C LEU A 36 14.21 -0.67 15.92
N ARG A 37 13.95 -0.75 17.21
CA ARG A 37 13.09 0.22 17.88
C ARG A 37 13.64 1.64 17.73
N ASN A 38 14.96 1.78 17.88
CA ASN A 38 15.60 3.10 17.85
C ASN A 38 15.57 3.76 16.47
N ASN A 39 15.64 2.97 15.41
CA ASN A 39 15.87 3.51 14.07
C ASN A 39 14.76 3.20 13.07
N TYR A 40 13.92 2.21 13.38
CA TYR A 40 12.93 1.77 12.41
C TYR A 40 11.50 1.71 12.93
N ALA A 41 11.29 2.29 14.11
CA ALA A 41 9.95 2.53 14.64
C ALA A 41 9.81 4.03 14.83
N PRO A 42 8.57 4.53 14.99
CA PRO A 42 8.37 5.98 15.09
C PRO A 42 9.29 6.64 16.13
N PRO A 43 9.74 7.88 15.87
CA PRO A 43 9.44 8.72 14.70
C PRO A 43 10.26 8.39 13.45
N ARG A 44 11.49 7.91 13.61
CA ARG A 44 12.36 7.67 12.47
C ARG A 44 11.78 6.64 11.50
N GLY A 45 10.90 5.79 12.01
CA GLY A 45 10.26 4.77 11.20
C GLY A 45 8.89 5.15 10.67
N ASP A 46 8.44 6.39 10.92
CA ASP A 46 7.20 6.85 10.31
C ASP A 46 7.46 7.20 8.86
N LEU A 47 6.80 6.50 7.95
CA LEU A 47 7.06 6.70 6.53
C LEU A 47 6.04 7.62 5.86
N CYS A 48 5.04 8.06 6.62
CA CYS A 48 3.97 8.88 6.03
C CYS A 48 4.47 10.24 5.53
N ASN A 49 5.35 10.89 6.28
CA ASN A 49 5.92 12.16 5.86
C ASN A 49 7.12 11.94 4.94
N PRO A 50 7.02 12.41 3.69
CA PRO A 50 8.05 12.17 2.66
C PRO A 50 9.35 12.89 2.98
N ASN A 51 9.33 13.80 3.95
CA ASN A 51 10.53 14.53 4.36
C ASN A 51 11.37 13.80 5.42
N GLY A 52 10.97 12.59 5.81
CA GLY A 52 11.71 11.82 6.79
C GLY A 52 12.92 11.08 6.22
N VAL A 53 13.72 10.51 7.11
CA VAL A 53 14.93 9.80 6.68
C VAL A 53 14.60 8.47 6.01
N GLY A 54 13.53 7.82 6.44
CA GLY A 54 13.12 6.55 5.84
C GLY A 54 12.74 6.66 4.38
N PRO A 55 11.79 7.56 4.07
CA PRO A 55 11.43 7.77 2.66
C PRO A 55 12.63 8.22 1.81
N TRP A 56 13.50 9.08 2.36
CA TRP A 56 14.68 9.52 1.63
C TRP A 56 15.58 8.35 1.22
N LYS A 57 15.89 7.48 2.17
CA LYS A 57 16.72 6.31 1.90
C LYS A 57 16.10 5.42 0.82
N LEU A 58 14.83 5.08 0.99
CA LEU A 58 14.15 4.19 0.05
C LEU A 58 14.12 4.81 -1.34
N ARG A 59 14.00 6.13 -1.38
CA ARG A 59 13.97 6.86 -2.63
C ARG A 59 15.31 6.80 -3.36
N CYS A 60 16.41 6.98 -2.62
CA CYS A 60 17.74 6.91 -3.22
C CYS A 60 17.93 5.54 -3.85
N LEU A 61 17.55 4.50 -3.12
CA LEU A 61 17.72 3.14 -3.60
C LEU A 61 16.88 2.88 -4.85
N ALA A 62 15.60 3.27 -4.77
CA ALA A 62 14.65 3.05 -5.87
C ALA A 62 15.04 3.79 -7.16
N GLN A 63 15.42 5.06 -7.03
CA GLN A 63 15.85 5.85 -8.17
C GLN A 63 17.09 5.26 -8.84
N THR A 64 18.02 4.78 -8.02
CA THR A 64 19.26 4.22 -8.53
C THR A 64 19.00 2.96 -9.37
N PHE A 65 18.21 2.04 -8.85
CA PHE A 65 17.91 0.81 -9.57
C PHE A 65 17.01 1.06 -10.78
N ALA A 66 16.29 2.18 -10.78
CA ALA A 66 15.36 2.49 -11.85
C ALA A 66 16.09 2.96 -13.11
N THR A 67 17.37 3.29 -12.95
CA THR A 67 18.18 3.70 -14.09
C THR A 67 18.43 2.54 -15.04
N GLY A 68 18.40 1.33 -14.50
CA GLY A 68 18.68 0.13 -15.29
C GLY A 68 20.16 -0.14 -15.48
N GLU A 69 21.00 0.63 -14.78
CA GLU A 69 22.45 0.48 -14.94
C GLU A 69 23.08 -0.38 -13.85
N VAL A 70 22.30 -0.70 -12.82
CA VAL A 70 22.75 -1.58 -11.76
C VAL A 70 22.04 -2.92 -11.88
N SER A 71 22.70 -3.88 -12.49
CA SER A 71 22.08 -5.16 -12.79
C SER A 71 23.10 -6.28 -12.79
N GLY A 72 22.62 -7.51 -12.81
CA GLY A 72 23.49 -8.67 -12.76
C GLY A 72 22.78 -9.85 -12.14
N ARG A 73 23.53 -10.89 -11.80
CA ARG A 73 22.94 -12.11 -11.27
C ARG A 73 23.02 -12.17 -9.75
N THR A 74 24.15 -11.71 -9.20
CA THR A 74 24.38 -11.83 -7.76
C THR A 74 24.69 -10.51 -7.06
N LEU A 75 24.23 -10.41 -5.82
CA LEU A 75 24.41 -9.21 -5.03
C LEU A 75 24.70 -9.61 -3.59
N ILE A 76 25.54 -8.82 -2.92
CA ILE A 76 25.82 -9.05 -1.50
C ILE A 76 25.52 -7.81 -0.67
N ASP A 77 24.75 -8.00 0.40
CA ASP A 77 24.48 -6.94 1.35
C ASP A 77 25.46 -7.05 2.51
N ILE A 78 26.23 -5.99 2.75
CA ILE A 78 27.31 -5.97 3.75
C ILE A 78 26.88 -5.37 5.09
N GLY A 79 26.95 -6.15 6.15
CA GLY A 79 26.52 -5.68 7.46
C GLY A 79 25.04 -5.37 7.50
N SER A 80 24.22 -6.36 7.14
CA SER A 80 22.78 -6.19 7.05
C SER A 80 22.15 -5.83 8.39
N GLY A 81 22.82 -6.21 9.48
CA GLY A 81 22.18 -6.13 10.78
C GLY A 81 20.87 -6.89 10.77
N PRO A 82 19.86 -6.36 11.47
CA PRO A 82 18.55 -7.01 11.53
C PRO A 82 17.55 -6.42 10.54
N THR A 83 18.03 -5.72 9.51
CA THR A 83 17.12 -4.99 8.62
C THR A 83 17.13 -5.54 7.18
N VAL A 84 16.03 -5.36 6.47
CA VAL A 84 15.91 -5.79 5.08
C VAL A 84 15.49 -4.69 4.10
N TYR A 85 15.14 -3.50 4.63
CA TYR A 85 14.61 -2.42 3.79
C TYR A 85 15.59 -2.07 2.68
N GLN A 86 16.87 -2.25 2.95
CA GLN A 86 17.91 -1.84 2.01
C GLN A 86 17.97 -2.71 0.76
N LEU A 87 17.13 -3.75 0.71
CA LEU A 87 17.13 -4.67 -0.42
C LEU A 87 15.79 -4.71 -1.16
N LEU A 88 14.84 -3.91 -0.69
CA LEU A 88 13.48 -3.97 -1.25
C LEU A 88 13.45 -3.62 -2.73
N SER A 89 14.17 -2.58 -3.13
CA SER A 89 14.20 -2.19 -4.53
C SER A 89 15.22 -3.01 -5.32
N ALA A 90 16.25 -3.51 -4.62
CA ALA A 90 17.30 -4.27 -5.26
C ALA A 90 16.82 -5.64 -5.75
N CYS A 91 15.92 -6.26 -4.99
CA CYS A 91 15.60 -7.67 -5.19
C CYS A 91 15.05 -8.04 -6.57
N SER A 92 14.53 -7.07 -7.31
CA SER A 92 13.96 -7.36 -8.63
C SER A 92 15.01 -7.26 -9.74
N HIS A 93 16.26 -6.99 -9.35
CA HIS A 93 17.34 -6.90 -10.33
C HIS A 93 18.40 -7.95 -10.12
N PHE A 94 18.28 -8.73 -9.06
CA PHE A 94 19.28 -9.74 -8.72
C PHE A 94 18.64 -11.02 -8.22
N GLU A 95 18.91 -12.12 -8.93
CA GLU A 95 18.29 -13.40 -8.61
C GLU A 95 18.95 -14.12 -7.43
N ASP A 96 20.23 -13.83 -7.18
CA ASP A 96 20.94 -14.43 -6.07
C ASP A 96 21.44 -13.35 -5.12
N ILE A 97 20.89 -13.32 -3.91
CA ILE A 97 21.26 -12.31 -2.93
C ILE A 97 21.83 -12.94 -1.67
N THR A 98 22.91 -12.36 -1.17
CA THR A 98 23.53 -12.80 0.06
C THR A 98 23.46 -11.71 1.11
N MET A 99 22.92 -12.04 2.28
CA MET A 99 22.89 -11.08 3.38
C MET A 99 23.96 -11.50 4.38
N THR A 100 24.45 -10.53 5.15
CA THR A 100 25.58 -10.79 6.04
C THR A 100 25.52 -9.96 7.31
N ASP A 101 26.13 -10.50 8.37
CA ASP A 101 26.42 -9.69 9.55
C ASP A 101 27.42 -10.36 10.47
N PHE A 102 28.11 -9.51 11.24
CA PHE A 102 29.09 -9.95 12.21
C PHE A 102 28.45 -10.74 13.35
N LEU A 103 27.24 -10.32 13.74
CA LEU A 103 26.60 -10.90 14.93
C LEU A 103 25.60 -12.01 14.63
N GLU A 104 25.70 -13.09 15.40
CA GLU A 104 24.77 -14.21 15.30
C GLU A 104 23.33 -13.77 15.57
N VAL A 105 23.14 -12.93 16.59
CA VAL A 105 21.79 -12.48 16.94
C VAL A 105 21.11 -11.71 15.80
N ASN A 106 21.88 -10.99 15.00
CA ASN A 106 21.31 -10.29 13.85
C ASN A 106 20.94 -11.27 12.75
N ARG A 107 21.79 -12.25 12.52
CA ARG A 107 21.51 -13.27 11.52
C ARG A 107 20.26 -14.04 11.88
N GLN A 108 20.03 -14.23 13.19
CA GLN A 108 18.83 -14.93 13.65
C GLN A 108 17.60 -14.09 13.41
N GLU A 109 17.68 -12.81 13.75
CA GLU A 109 16.57 -11.90 13.54
C GLU A 109 16.17 -11.86 12.06
N LEU A 110 17.18 -11.85 11.18
CA LEU A 110 16.94 -11.91 9.74
C LEU A 110 16.20 -13.20 9.37
N GLY A 111 16.72 -14.32 9.86
CA GLY A 111 16.13 -15.62 9.60
C GLY A 111 14.67 -15.67 10.02
N ARG A 112 14.36 -15.05 11.15
CA ARG A 112 12.98 -14.98 11.61
C ARG A 112 12.07 -14.33 10.57
N TRP A 113 12.54 -13.27 9.91
CA TRP A 113 11.71 -12.60 8.92
C TRP A 113 11.72 -13.35 7.58
N LEU A 114 12.89 -13.83 7.17
CA LEU A 114 12.98 -14.57 5.92
C LEU A 114 12.10 -15.83 5.95
N GLN A 115 12.05 -16.48 7.10
CA GLN A 115 11.28 -17.72 7.26
C GLN A 115 9.89 -17.46 7.81
N GLU A 116 9.51 -16.19 7.91
CA GLU A 116 8.20 -15.81 8.43
C GLU A 116 7.90 -16.48 9.78
N GLU A 117 8.92 -16.56 10.63
CA GLU A 117 8.78 -17.19 11.94
C GLU A 117 8.13 -16.25 12.95
N PRO A 118 7.79 -16.75 14.14
CA PRO A 118 7.08 -15.93 15.14
C PRO A 118 7.95 -14.83 15.72
N GLY A 119 7.36 -13.65 15.90
CA GLY A 119 8.06 -12.53 16.52
C GLY A 119 9.00 -11.80 15.59
N ALA A 120 8.94 -12.14 14.30
CA ALA A 120 9.72 -11.44 13.29
C ALA A 120 9.36 -9.96 13.30
N PHE A 121 10.31 -9.12 12.92
CA PHE A 121 10.04 -7.70 12.80
C PHE A 121 9.09 -7.47 11.63
N ASN A 122 8.19 -6.50 11.78
CA ASN A 122 7.23 -6.17 10.72
C ASN A 122 7.77 -5.10 9.78
N TRP A 123 8.18 -5.52 8.58
CA TRP A 123 8.75 -4.60 7.59
C TRP A 123 7.73 -4.11 6.58
N SER A 124 6.47 -4.47 6.76
CA SER A 124 5.44 -4.24 5.75
C SER A 124 5.26 -2.78 5.33
N MET A 125 5.43 -1.85 6.28
CA MET A 125 5.32 -0.43 5.94
C MET A 125 6.39 0.00 4.94
N TYR A 126 7.60 -0.56 5.09
CA TYR A 126 8.70 -0.28 4.18
C TYR A 126 8.49 -0.92 2.82
N SER A 127 8.00 -2.16 2.82
CA SER A 127 7.66 -2.87 1.58
C SER A 127 6.58 -2.09 0.84
N GLN A 128 5.58 -1.64 1.58
CA GLN A 128 4.49 -0.87 0.98
C GLN A 128 5.04 0.40 0.34
N HIS A 129 5.93 1.10 1.05
CA HIS A 129 6.48 2.36 0.53
C HIS A 129 7.43 2.19 -0.64
N ALA A 130 8.17 1.09 -0.66
CA ALA A 130 8.96 0.74 -1.83
C ALA A 130 8.07 0.56 -3.07
N CYS A 131 6.96 -0.16 -2.90
CA CYS A 131 6.01 -0.36 -4.00
C CYS A 131 5.42 0.96 -4.46
N LEU A 132 5.08 1.81 -3.50
CA LEU A 132 4.55 3.13 -3.76
C LEU A 132 5.54 3.96 -4.59
N ILE A 133 6.78 4.01 -4.12
CA ILE A 133 7.84 4.79 -4.76
C ILE A 133 8.23 4.25 -6.14
N GLU A 134 8.36 2.93 -6.24
CA GLU A 134 8.80 2.33 -7.50
C GLU A 134 7.80 2.57 -8.63
N GLY A 135 6.52 2.69 -8.28
CA GLY A 135 5.51 3.08 -9.24
C GLY A 135 5.21 2.07 -10.32
N LYS A 136 5.28 0.79 -9.97
CA LYS A 136 5.03 -0.28 -10.94
C LYS A 136 3.68 -0.94 -10.67
N GLY A 137 2.98 -0.45 -9.66
CA GLY A 137 1.69 -1.00 -9.29
C GLY A 137 1.78 -2.33 -8.60
N GLU A 138 2.96 -2.65 -8.08
CA GLU A 138 3.19 -3.93 -7.40
C GLU A 138 2.59 -3.93 -5.99
N CYS A 139 1.96 -5.04 -5.61
CA CYS A 139 1.46 -5.17 -4.24
C CYS A 139 2.60 -5.55 -3.30
N TRP A 140 2.54 -5.06 -2.07
CA TRP A 140 3.67 -5.22 -1.16
C TRP A 140 3.96 -6.69 -0.83
N GLN A 141 2.93 -7.53 -0.87
CA GLN A 141 3.11 -8.96 -0.60
C GLN A 141 3.95 -9.65 -1.68
N ASP A 142 3.79 -9.21 -2.93
CA ASP A 142 4.59 -9.76 -4.02
C ASP A 142 6.05 -9.35 -3.84
N LYS A 143 6.26 -8.11 -3.40
CA LYS A 143 7.61 -7.59 -3.17
C LYS A 143 8.34 -8.41 -2.12
N GLU A 144 7.71 -8.58 -0.96
CA GLU A 144 8.30 -9.36 0.12
C GLU A 144 8.58 -10.78 -0.34
N ARG A 145 7.65 -11.33 -1.12
CA ARG A 145 7.78 -12.69 -1.63
C ARG A 145 9.05 -12.83 -2.46
N GLN A 146 9.26 -11.89 -3.37
CA GLN A 146 10.43 -11.91 -4.25
C GLN A 146 11.73 -11.76 -3.46
N LEU A 147 11.73 -10.89 -2.45
CA LEU A 147 12.92 -10.69 -1.63
C LEU A 147 13.28 -11.98 -0.89
N ARG A 148 12.29 -12.57 -0.24
CA ARG A 148 12.50 -13.80 0.53
C ARG A 148 13.02 -14.93 -0.37
N ALA A 149 12.57 -14.94 -1.62
CA ALA A 149 12.92 -16.02 -2.55
C ALA A 149 14.34 -15.86 -3.09
N ARG A 150 14.78 -14.62 -3.22
CA ARG A 150 16.08 -14.34 -3.83
C ARG A 150 17.22 -14.25 -2.83
N VAL A 151 16.90 -14.01 -1.55
CA VAL A 151 17.90 -14.12 -0.51
C VAL A 151 18.16 -15.61 -0.27
N LYS A 152 19.33 -16.08 -0.74
CA LYS A 152 19.62 -17.50 -0.69
C LYS A 152 20.31 -17.92 0.61
N ARG A 153 20.99 -16.98 1.25
CA ARG A 153 21.80 -17.30 2.42
C ARG A 153 22.10 -16.07 3.28
N VAL A 154 22.37 -16.33 4.56
CA VAL A 154 22.78 -15.29 5.50
C VAL A 154 24.09 -15.73 6.15
N LEU A 155 25.16 -14.99 5.88
CA LEU A 155 26.50 -15.42 6.26
C LEU A 155 27.19 -14.50 7.27
N PRO A 156 28.08 -15.08 8.09
CA PRO A 156 28.94 -14.29 8.97
C PRO A 156 29.88 -13.45 8.11
N ILE A 157 30.32 -12.31 8.65
CA ILE A 157 31.24 -11.46 7.92
C ILE A 157 32.01 -10.58 8.89
N ASP A 158 33.24 -10.24 8.53
CA ASP A 158 34.03 -9.29 9.30
C ASP A 158 34.82 -8.42 8.33
N VAL A 159 34.35 -7.19 8.13
CA VAL A 159 34.98 -6.29 7.16
C VAL A 159 36.41 -5.91 7.55
N HIS A 160 36.80 -6.21 8.78
CA HIS A 160 38.16 -5.95 9.22
C HIS A 160 39.15 -6.94 8.60
N GLN A 161 38.62 -8.07 8.13
CA GLN A 161 39.47 -9.10 7.51
C GLN A 161 39.64 -8.83 6.02
N PRO A 162 40.86 -9.04 5.52
CA PRO A 162 41.17 -8.91 4.08
C PRO A 162 40.21 -9.72 3.23
N GLN A 163 39.78 -10.88 3.75
CA GLN A 163 38.71 -11.65 3.11
C GLN A 163 37.50 -11.67 4.05
N PRO A 164 36.64 -10.65 3.93
CA PRO A 164 35.54 -10.44 4.89
C PRO A 164 34.66 -11.67 5.10
N LEU A 165 34.41 -12.44 4.04
CA LEU A 165 33.56 -13.63 4.13
C LEU A 165 34.34 -14.88 4.52
N GLY A 166 35.65 -14.86 4.36
CA GLY A 166 36.46 -16.01 4.65
C GLY A 166 36.93 -16.74 3.39
N ALA A 167 37.38 -17.98 3.57
CA ALA A 167 38.01 -18.72 2.48
C ALA A 167 37.01 -19.49 1.61
N GLY A 168 36.34 -20.48 2.18
CA GLY A 168 35.44 -21.33 1.43
C GLY A 168 34.02 -20.79 1.32
N SER A 169 33.91 -19.49 1.05
CA SER A 169 32.62 -18.80 1.01
C SER A 169 31.59 -19.48 0.13
N PRO A 170 30.40 -19.75 0.71
CA PRO A 170 29.26 -20.27 -0.05
C PRO A 170 28.70 -19.22 -1.01
N ALA A 171 29.17 -17.99 -0.89
CA ALA A 171 28.69 -16.89 -1.72
C ALA A 171 29.42 -16.78 -3.05
N PRO A 172 28.67 -16.63 -4.14
CA PRO A 172 29.27 -16.49 -5.48
C PRO A 172 30.16 -15.26 -5.55
N LEU A 173 31.43 -15.45 -5.89
CA LEU A 173 32.36 -14.34 -6.02
C LEU A 173 33.02 -14.34 -7.39
N PRO A 174 33.32 -13.15 -7.92
CA PRO A 174 32.97 -11.90 -7.23
C PRO A 174 31.50 -11.57 -7.49
N ALA A 175 30.93 -10.70 -6.66
CA ALA A 175 29.53 -10.29 -6.81
C ALA A 175 29.41 -9.21 -7.88
N ASP A 176 28.26 -9.17 -8.54
CA ASP A 176 28.00 -8.15 -9.55
C ASP A 176 27.74 -6.79 -8.93
N ALA A 177 27.34 -6.79 -7.65
CA ALA A 177 27.01 -5.54 -6.96
C ALA A 177 27.05 -5.71 -5.44
N LEU A 178 27.35 -4.61 -4.75
CA LEU A 178 27.30 -4.59 -3.30
C LEU A 178 26.32 -3.54 -2.81
N VAL A 179 25.70 -3.81 -1.67
CA VAL A 179 24.94 -2.80 -0.94
C VAL A 179 25.47 -2.81 0.48
N SER A 180 25.57 -1.63 1.10
CA SER A 180 25.94 -1.59 2.51
C SER A 180 25.44 -0.32 3.19
N ALA A 181 24.69 -0.50 4.27
CA ALA A 181 24.07 0.63 4.94
C ALA A 181 24.46 0.71 6.41
N PHE A 182 25.19 1.77 6.75
CA PHE A 182 25.52 2.07 8.14
C PHE A 182 26.42 1.02 8.80
N CYS A 183 27.28 0.37 8.01
CA CYS A 183 28.19 -0.60 8.57
C CYS A 183 29.60 -0.02 8.82
N LEU A 184 30.29 0.34 7.75
CA LEU A 184 31.71 0.70 7.84
C LEU A 184 32.05 1.77 8.89
N GLU A 185 31.38 2.91 8.81
CA GLU A 185 31.67 4.00 9.76
C GLU A 185 31.34 3.53 11.18
N ALA A 186 30.39 2.61 11.29
CA ALA A 186 29.94 2.12 12.59
C ALA A 186 30.83 1.03 13.18
N VAL A 187 31.79 0.54 12.41
CA VAL A 187 32.71 -0.49 12.89
C VAL A 187 34.18 -0.06 12.82
N SER A 188 34.41 1.21 12.50
CA SER A 188 35.76 1.75 12.33
C SER A 188 36.03 2.86 13.34
N PRO A 189 37.16 2.77 14.06
CA PRO A 189 37.56 3.77 15.05
C PRO A 189 38.00 5.10 14.43
N ASP A 190 38.47 5.06 13.19
CA ASP A 190 38.97 6.26 12.53
C ASP A 190 38.93 6.14 11.02
N LEU A 191 39.26 7.24 10.33
CA LEU A 191 39.21 7.26 8.88
C LEU A 191 39.99 6.12 8.22
N ALA A 192 41.24 5.94 8.62
CA ALA A 192 42.09 4.95 7.99
C ALA A 192 41.49 3.56 8.11
N SER A 193 40.89 3.29 9.26
CA SER A 193 40.23 2.00 9.45
C SER A 193 39.02 1.88 8.52
N PHE A 194 38.26 2.96 8.40
CA PHE A 194 37.13 3.04 7.47
C PHE A 194 37.62 2.73 6.05
N GLN A 195 38.73 3.36 5.68
CA GLN A 195 39.31 3.21 4.36
C GLN A 195 39.71 1.77 4.05
N ARG A 196 40.37 1.12 5.02
CA ARG A 196 40.76 -0.28 4.85
C ARG A 196 39.54 -1.20 4.77
N ALA A 197 38.52 -0.91 5.58
CA ALA A 197 37.30 -1.71 5.56
C ALA A 197 36.67 -1.64 4.17
N LEU A 198 36.62 -0.44 3.60
CA LEU A 198 36.12 -0.27 2.24
C LEU A 198 36.98 -1.07 1.26
N ASP A 199 38.29 -1.02 1.45
CA ASP A 199 39.22 -1.82 0.65
C ASP A 199 38.87 -3.30 0.72
N HIS A 200 38.63 -3.80 1.94
CA HIS A 200 38.36 -5.21 2.14
C HIS A 200 37.10 -5.70 1.41
N ILE A 201 36.01 -4.94 1.51
CA ILE A 201 34.77 -5.36 0.87
C ILE A 201 34.82 -5.16 -0.64
N THR A 202 35.63 -4.20 -1.09
CA THR A 202 35.76 -3.95 -2.53
C THR A 202 36.29 -5.17 -3.28
N THR A 203 37.10 -5.98 -2.62
CA THR A 203 37.64 -7.21 -3.24
C THR A 203 36.53 -8.19 -3.60
N LEU A 204 35.40 -8.09 -2.90
CA LEU A 204 34.25 -8.95 -3.17
C LEU A 204 33.52 -8.54 -4.43
N LEU A 205 33.78 -7.33 -4.89
CA LEU A 205 33.04 -6.76 -6.01
C LEU A 205 33.79 -6.97 -7.33
N ARG A 206 33.07 -7.46 -8.31
CA ARG A 206 33.59 -7.65 -9.65
C ARG A 206 34.02 -6.30 -10.23
N PRO A 207 35.11 -6.30 -11.03
CA PRO A 207 35.47 -5.07 -11.73
C PRO A 207 34.34 -4.61 -12.63
N GLY A 208 33.98 -3.32 -12.55
CA GLY A 208 32.87 -2.80 -13.31
C GLY A 208 31.55 -2.93 -12.56
N GLY A 209 31.60 -3.54 -11.38
CA GLY A 209 30.39 -3.75 -10.59
C GLY A 209 29.99 -2.51 -9.83
N HIS A 210 28.83 -2.56 -9.17
CA HIS A 210 28.31 -1.38 -8.49
C HIS A 210 28.22 -1.55 -6.97
N LEU A 211 28.57 -0.50 -6.26
CA LEU A 211 28.40 -0.45 -4.82
C LEU A 211 27.43 0.66 -4.46
N LEU A 212 26.40 0.31 -3.69
CA LEU A 212 25.49 1.30 -3.13
C LEU A 212 25.78 1.41 -1.65
N LEU A 213 26.34 2.56 -1.25
CA LEU A 213 26.77 2.73 0.12
C LEU A 213 25.96 3.81 0.82
N ILE A 214 25.34 3.45 1.94
CA ILE A 214 24.56 4.39 2.75
C ILE A 214 25.19 4.46 4.12
N GLY A 215 25.24 5.65 4.71
CA GLY A 215 25.87 5.77 6.03
C GLY A 215 25.59 7.06 6.76
N ALA A 216 25.93 7.07 8.04
CA ALA A 216 25.77 8.25 8.89
C ALA A 216 26.90 9.25 8.71
N LEU A 217 26.56 10.54 8.75
CA LEU A 217 27.51 11.63 8.56
C LEU A 217 27.79 12.32 9.89
N GLU A 218 29.07 12.55 10.18
CA GLU A 218 29.48 13.27 11.37
C GLU A 218 28.86 12.70 12.66
N GLU A 219 28.75 11.38 12.70
CA GLU A 219 28.24 10.68 13.87
C GLU A 219 29.40 10.10 14.68
N SER A 220 29.28 10.08 16.00
CA SER A 220 30.36 9.56 16.84
C SER A 220 29.92 8.44 17.78
N TRP A 221 28.62 8.31 18.01
CA TRP A 221 28.09 7.21 18.81
C TRP A 221 26.64 6.90 18.48
N TYR A 222 26.21 5.68 18.79
CA TYR A 222 24.79 5.35 18.82
C TYR A 222 24.56 4.21 19.79
N LEU A 223 23.31 3.99 20.16
CA LEU A 223 22.99 3.01 21.19
C LEU A 223 22.17 1.85 20.62
N ALA A 224 22.38 0.67 21.20
CA ALA A 224 21.59 -0.50 20.86
C ALA A 224 21.30 -1.27 22.14
N GLY A 225 20.42 -0.71 22.97
CA GLY A 225 20.12 -1.30 24.27
C GLY A 225 21.26 -1.06 25.23
N GLU A 226 21.82 -2.14 25.78
CA GLU A 226 22.94 -2.04 26.69
C GLU A 226 24.23 -1.63 25.98
N ALA A 227 24.27 -1.79 24.67
CA ALA A 227 25.46 -1.46 23.90
C ALA A 227 25.56 0.03 23.58
N ARG A 228 26.75 0.57 23.78
CA ARG A 228 27.10 1.93 23.40
C ARG A 228 28.21 1.84 22.37
N LEU A 229 27.89 2.11 21.11
CA LEU A 229 28.86 1.91 20.03
C LEU A 229 29.57 3.20 19.64
N THR A 230 30.87 3.08 19.35
CA THR A 230 31.65 4.20 18.86
C THR A 230 31.60 4.24 17.33
N VAL A 231 31.49 5.44 16.78
CA VAL A 231 31.43 5.63 15.33
C VAL A 231 32.47 6.66 14.92
N VAL A 232 33.06 6.50 13.74
CA VAL A 232 33.93 7.53 13.20
C VAL A 232 33.11 8.58 12.45
N PRO A 233 33.22 9.84 12.86
CA PRO A 233 32.48 10.92 12.21
C PRO A 233 33.08 11.23 10.85
N VAL A 234 32.35 10.94 9.77
CA VAL A 234 32.86 11.23 8.44
C VAL A 234 32.05 12.30 7.74
N SER A 235 32.68 13.00 6.80
CA SER A 235 31.99 14.00 5.98
C SER A 235 31.70 13.43 4.60
N GLU A 236 30.89 14.15 3.83
CA GLU A 236 30.61 13.78 2.45
C GLU A 236 31.90 13.71 1.62
N GLU A 237 32.76 14.70 1.79
CA GLU A 237 33.99 14.75 1.01
C GLU A 237 34.94 13.64 1.42
N GLU A 238 34.93 13.28 2.69
CA GLU A 238 35.73 12.16 3.17
C GLU A 238 35.21 10.83 2.58
N VAL A 239 33.89 10.71 2.47
CA VAL A 239 33.31 9.52 1.88
C VAL A 239 33.72 9.44 0.41
N ARG A 240 33.55 10.54 -0.31
CA ARG A 240 33.93 10.58 -1.72
C ARG A 240 35.40 10.18 -1.90
N GLU A 241 36.29 10.83 -1.16
CA GLU A 241 37.72 10.57 -1.27
C GLU A 241 38.07 9.12 -0.97
N ALA A 242 37.38 8.52 0.00
CA ALA A 242 37.61 7.13 0.36
C ALA A 242 37.21 6.20 -0.78
N LEU A 243 36.14 6.54 -1.47
CA LEU A 243 35.65 5.76 -2.60
C LEU A 243 36.63 5.82 -3.77
N VAL A 244 37.11 7.03 -4.08
CA VAL A 244 38.12 7.21 -5.09
C VAL A 244 39.37 6.38 -4.76
N ARG A 245 39.88 6.55 -3.55
CA ARG A 245 41.06 5.81 -3.11
C ARG A 245 40.91 4.30 -3.29
N SER A 246 39.68 3.80 -3.12
CA SER A 246 39.44 2.37 -3.18
C SER A 246 39.28 1.83 -4.60
N GLY A 247 39.25 2.74 -5.58
CA GLY A 247 39.16 2.34 -6.97
C GLY A 247 37.77 2.45 -7.58
N TYR A 248 36.95 3.37 -7.06
CA TYR A 248 35.62 3.59 -7.61
C TYR A 248 35.53 4.90 -8.38
N LYS A 249 34.64 4.94 -9.37
CA LYS A 249 34.19 6.21 -9.91
C LYS A 249 32.88 6.54 -9.21
N VAL A 250 32.77 7.76 -8.66
CA VAL A 250 31.57 8.15 -7.96
C VAL A 250 30.51 8.66 -8.93
N ARG A 251 29.47 7.86 -9.11
CA ARG A 251 28.38 8.19 -10.03
C ARG A 251 27.37 9.13 -9.36
N ASP A 252 27.26 9.03 -8.04
CA ASP A 252 26.29 9.83 -7.31
C ASP A 252 26.59 9.82 -5.81
N LEU A 253 26.47 10.99 -5.20
CA LEU A 253 26.67 11.11 -3.75
C LEU A 253 25.79 12.23 -3.23
N ARG A 254 24.78 11.87 -2.45
CA ARG A 254 23.79 12.83 -1.95
C ARG A 254 23.78 12.84 -0.42
N THR A 255 23.28 13.94 0.13
CA THR A 255 23.19 14.09 1.58
C THR A 255 21.78 14.40 2.04
N TYR A 256 21.39 13.75 3.13
CA TYR A 256 20.16 14.09 3.82
C TYR A 256 20.56 14.72 5.15
N ILE A 257 20.08 15.94 5.39
CA ILE A 257 20.33 16.58 6.67
C ILE A 257 19.27 16.16 7.69
N MET A 258 19.71 15.69 8.86
CA MET A 258 18.78 15.18 9.87
C MET A 258 18.03 16.31 10.57
N PRO A 259 16.71 16.38 10.35
CA PRO A 259 15.92 17.44 10.98
C PRO A 259 15.85 17.30 12.50
N ALA A 260 15.60 18.42 13.18
CA ALA A 260 15.58 18.47 14.63
C ALA A 260 14.69 17.39 15.25
N HIS A 261 13.50 17.20 14.70
CA HIS A 261 12.54 16.29 15.31
C HIS A 261 12.94 14.81 15.15
N LEU A 262 13.97 14.55 14.34
CA LEU A 262 14.46 13.18 14.24
C LEU A 262 15.78 12.97 15.00
N GLN A 263 16.19 13.97 15.78
CA GLN A 263 17.33 13.86 16.69
C GLN A 263 16.83 13.47 18.07
N THR A 264 16.97 12.19 18.43
CA THR A 264 16.19 11.62 19.53
C THR A 264 16.92 11.06 20.75
N GLY A 265 18.22 11.26 20.85
CA GLY A 265 18.92 10.71 22.00
C GLY A 265 19.49 9.30 21.80
N VAL A 266 19.15 8.65 20.69
CA VAL A 266 19.70 7.34 20.40
C VAL A 266 21.06 7.41 19.69
N ASP A 267 21.45 8.61 19.29
CA ASP A 267 22.74 8.84 18.64
C ASP A 267 22.99 10.33 18.48
N ASP A 268 24.08 10.68 17.80
CA ASP A 268 24.33 12.08 17.47
C ASP A 268 24.52 12.28 15.97
N VAL A 269 23.78 11.53 15.15
CA VAL A 269 23.91 11.62 13.70
C VAL A 269 23.51 13.02 13.23
N LYS A 270 24.28 13.58 12.30
CA LYS A 270 23.98 14.89 11.75
C LYS A 270 23.26 14.80 10.40
N GLY A 271 23.53 13.72 9.67
CA GLY A 271 22.94 13.53 8.36
C GLY A 271 23.18 12.12 7.85
N VAL A 272 22.69 11.84 6.65
CA VAL A 272 22.87 10.53 6.04
C VAL A 272 23.37 10.73 4.62
N PHE A 273 24.34 9.93 4.20
CA PHE A 273 24.81 10.01 2.82
C PHE A 273 24.36 8.80 2.03
N PHE A 274 24.14 9.01 0.73
CA PHE A 274 23.94 7.92 -0.20
C PHE A 274 24.99 8.02 -1.30
N ALA A 275 25.70 6.93 -1.53
CA ALA A 275 26.69 6.91 -2.60
C ALA A 275 26.44 5.76 -3.57
N TRP A 276 26.45 6.09 -4.86
CA TRP A 276 26.41 5.10 -5.91
C TRP A 276 27.77 5.10 -6.59
N ALA A 277 28.53 4.04 -6.38
CA ALA A 277 29.90 3.95 -6.87
C ALA A 277 30.09 2.75 -7.78
N GLN A 278 30.97 2.88 -8.76
CA GLN A 278 31.23 1.80 -9.70
C GLN A 278 32.72 1.45 -9.71
N LYS A 279 33.03 0.19 -9.46
CA LYS A 279 34.41 -0.27 -9.45
C LYS A 279 35.02 -0.15 -10.83
N VAL A 280 36.16 0.53 -10.93
CA VAL A 280 36.83 0.69 -12.21
C VAL A 280 38.34 0.46 -12.10
N PRO B 14 -48.30 -1.42 -12.57
CA PRO B 14 -48.41 -2.49 -11.58
C PRO B 14 -48.13 -2.00 -10.15
N ASP B 15 -48.45 -2.84 -9.18
CA ASP B 15 -48.27 -2.51 -7.77
C ASP B 15 -46.85 -2.86 -7.32
N SER B 16 -46.18 -1.89 -6.69
CA SER B 16 -44.77 -2.09 -6.32
C SER B 16 -44.59 -2.75 -4.94
N ALA B 17 -45.51 -2.45 -4.02
CA ALA B 17 -45.38 -2.88 -2.62
C ALA B 17 -44.95 -4.34 -2.41
N PRO B 18 -45.59 -5.29 -3.12
CA PRO B 18 -45.30 -6.70 -2.87
C PRO B 18 -43.82 -7.06 -3.05
N GLY B 19 -43.25 -6.70 -4.19
CA GLY B 19 -41.86 -7.02 -4.47
C GLY B 19 -40.92 -6.36 -3.47
N GLN B 20 -41.21 -5.09 -3.17
CA GLN B 20 -40.42 -4.37 -2.19
C GLN B 20 -40.50 -5.04 -0.84
N ALA B 21 -41.67 -5.62 -0.53
CA ALA B 21 -41.88 -6.26 0.76
C ALA B 21 -41.03 -7.53 0.88
N ALA B 22 -40.92 -8.27 -0.22
CA ALA B 22 -40.10 -9.47 -0.25
C ALA B 22 -38.64 -9.11 -0.03
N VAL B 23 -38.19 -8.08 -0.74
CA VAL B 23 -36.81 -7.59 -0.65
C VAL B 23 -36.46 -7.16 0.77
N ALA B 24 -37.30 -6.34 1.40
CA ALA B 24 -37.07 -5.92 2.77
C ALA B 24 -37.02 -7.12 3.72
N SER B 25 -37.92 -8.08 3.50
CA SER B 25 -37.97 -9.31 4.30
C SER B 25 -36.67 -10.10 4.18
N ALA B 26 -36.24 -10.36 2.95
CA ALA B 26 -35.03 -11.14 2.72
C ALA B 26 -33.79 -10.51 3.37
N TYR B 27 -33.70 -9.19 3.32
CA TYR B 27 -32.54 -8.49 3.87
C TYR B 27 -32.47 -8.52 5.38
N GLN B 28 -33.55 -8.94 6.03
CA GLN B 28 -33.52 -9.09 7.48
C GLN B 28 -32.55 -10.19 7.88
N ARG B 29 -32.13 -11.00 6.90
CA ARG B 29 -31.19 -12.08 7.17
C ARG B 29 -29.75 -11.79 6.68
N PHE B 30 -29.57 -10.65 6.04
CA PHE B 30 -28.26 -10.21 5.54
C PHE B 30 -27.24 -10.18 6.68
N GLU B 31 -26.14 -10.91 6.53
CA GLU B 31 -25.06 -10.90 7.52
C GLU B 31 -23.83 -10.18 6.98
N PRO B 32 -23.54 -9.00 7.54
CA PRO B 32 -22.45 -8.16 7.05
C PRO B 32 -21.11 -8.90 6.98
N ARG B 33 -20.77 -9.64 8.03
CA ARG B 33 -19.50 -10.35 8.07
C ARG B 33 -19.38 -11.41 6.99
N ALA B 34 -20.45 -12.15 6.76
CA ALA B 34 -20.45 -13.16 5.70
C ALA B 34 -20.29 -12.48 4.35
N TYR B 35 -21.02 -11.38 4.15
CA TYR B 35 -20.94 -10.61 2.92
C TYR B 35 -19.53 -10.08 2.69
N LEU B 36 -18.92 -9.55 3.75
CA LEU B 36 -17.55 -9.05 3.69
C LEU B 36 -16.56 -10.15 3.33
N ARG B 37 -16.67 -11.29 4.01
CA ARG B 37 -15.82 -12.43 3.71
C ARG B 37 -16.03 -12.92 2.27
N ASN B 38 -17.28 -13.00 1.84
CA ASN B 38 -17.61 -13.49 0.49
C ASN B 38 -17.05 -12.61 -0.63
N ASN B 39 -17.03 -11.29 -0.42
CA ASN B 39 -16.72 -10.36 -1.50
C ASN B 39 -15.43 -9.55 -1.33
N TYR B 40 -14.96 -9.40 -0.10
CA TYR B 40 -13.82 -8.50 0.14
C TYR B 40 -12.61 -9.13 0.84
N ALA B 41 -12.73 -10.42 1.17
CA ALA B 41 -11.56 -11.23 1.51
C ALA B 41 -11.19 -12.07 0.27
N PRO B 42 -9.96 -12.62 0.24
CA PRO B 42 -9.54 -13.43 -0.91
C PRO B 42 -10.49 -14.61 -1.15
N PRO B 43 -10.60 -15.10 -2.39
CA PRO B 43 -9.86 -14.71 -3.61
C PRO B 43 -10.32 -13.40 -4.26
N ARG B 44 -11.59 -13.03 -4.12
CA ARG B 44 -12.08 -11.81 -4.74
C ARG B 44 -11.44 -10.56 -4.13
N GLY B 45 -11.03 -10.67 -2.87
CA GLY B 45 -10.37 -9.58 -2.19
C GLY B 45 -8.86 -9.57 -2.37
N ASP B 46 -8.36 -10.44 -3.25
CA ASP B 46 -6.93 -10.47 -3.54
C ASP B 46 -6.59 -9.31 -4.46
N LEU B 47 -5.85 -8.34 -3.96
CA LEU B 47 -5.53 -7.16 -4.74
C LEU B 47 -4.20 -7.28 -5.49
N CYS B 48 -3.48 -8.38 -5.27
CA CYS B 48 -2.18 -8.58 -5.90
C CYS B 48 -2.29 -8.89 -7.40
N ASN B 49 -3.34 -9.60 -7.80
CA ASN B 49 -3.58 -9.86 -9.22
C ASN B 49 -4.33 -8.72 -9.89
N PRO B 50 -3.63 -8.01 -10.79
CA PRO B 50 -4.16 -6.83 -11.48
C PRO B 50 -5.38 -7.17 -12.34
N ASN B 51 -5.57 -8.45 -12.63
CA ASN B 51 -6.68 -8.91 -13.45
C ASN B 51 -7.92 -9.29 -12.63
N GLY B 52 -7.83 -9.14 -11.32
CA GLY B 52 -8.93 -9.46 -10.43
C GLY B 52 -9.98 -8.35 -10.38
N VAL B 53 -11.10 -8.61 -9.74
CA VAL B 53 -12.22 -7.67 -9.74
C VAL B 53 -11.96 -6.50 -8.80
N GLY B 54 -11.29 -6.75 -7.69
CA GLY B 54 -10.98 -5.70 -6.72
C GLY B 54 -10.15 -4.58 -7.32
N PRO B 55 -9.00 -4.91 -7.91
CA PRO B 55 -8.18 -3.89 -8.56
C PRO B 55 -8.92 -3.17 -9.70
N TRP B 56 -9.76 -3.89 -10.44
CA TRP B 56 -10.54 -3.28 -11.52
C TRP B 56 -11.49 -2.20 -10.99
N LYS B 57 -12.28 -2.53 -9.98
CA LYS B 57 -13.16 -1.55 -9.34
C LYS B 57 -12.39 -0.31 -8.85
N LEU B 58 -11.32 -0.53 -8.10
CA LEU B 58 -10.50 0.58 -7.59
C LEU B 58 -9.90 1.41 -8.72
N ARG B 59 -9.53 0.73 -9.80
CA ARG B 59 -8.98 1.38 -10.98
C ARG B 59 -10.01 2.29 -11.68
N CYS B 60 -11.24 1.80 -11.83
CA CYS B 60 -12.30 2.58 -12.42
C CYS B 60 -12.54 3.87 -11.64
N LEU B 61 -12.54 3.75 -10.33
CA LEU B 61 -12.83 4.90 -9.47
C LEU B 61 -11.67 5.89 -9.51
N ALA B 62 -10.45 5.39 -9.37
CA ALA B 62 -9.26 6.23 -9.37
C ALA B 62 -9.11 7.02 -10.67
N GLN B 63 -9.20 6.33 -11.80
CA GLN B 63 -9.08 6.96 -13.12
C GLN B 63 -10.14 8.02 -13.35
N THR B 64 -11.35 7.79 -12.83
CA THR B 64 -12.44 8.74 -13.03
C THR B 64 -12.17 10.02 -12.23
N PHE B 65 -11.78 9.86 -10.98
CA PHE B 65 -11.50 11.02 -10.15
C PHE B 65 -10.25 11.77 -10.60
N ALA B 66 -9.34 11.04 -11.24
CA ALA B 66 -8.08 11.63 -11.71
C ALA B 66 -8.29 12.60 -12.88
N THR B 67 -9.43 12.50 -13.55
CA THR B 67 -9.74 13.43 -14.65
C THR B 67 -9.94 14.85 -14.14
N GLY B 68 -10.18 14.98 -12.84
CA GLY B 68 -10.46 16.27 -12.23
C GLY B 68 -11.88 16.75 -12.53
N GLU B 69 -12.61 15.99 -13.34
CA GLU B 69 -13.93 16.41 -13.79
C GLU B 69 -15.06 16.13 -12.80
N VAL B 70 -14.76 15.33 -11.78
CA VAL B 70 -15.77 15.02 -10.77
C VAL B 70 -15.37 15.61 -9.42
N SER B 71 -15.90 16.78 -9.11
CA SER B 71 -15.60 17.42 -7.84
C SER B 71 -16.75 18.29 -7.35
N GLY B 72 -16.55 18.91 -6.20
CA GLY B 72 -17.59 19.71 -5.57
C GLY B 72 -17.44 19.64 -4.06
N ARG B 73 -18.49 19.98 -3.34
CA ARG B 73 -18.41 19.99 -1.88
C ARG B 73 -18.98 18.71 -1.27
N THR B 74 -20.08 18.23 -1.82
CA THR B 74 -20.84 17.17 -1.17
C THR B 74 -21.04 15.92 -2.03
N LEU B 75 -20.91 14.76 -1.39
CA LEU B 75 -21.04 13.49 -2.07
C LEU B 75 -21.91 12.57 -1.23
N ILE B 76 -22.78 11.82 -1.90
CA ILE B 76 -23.59 10.83 -1.20
C ILE B 76 -23.31 9.44 -1.77
N ASP B 77 -22.97 8.50 -0.89
CA ASP B 77 -22.81 7.10 -1.26
C ASP B 77 -24.13 6.38 -1.00
N ILE B 78 -24.70 5.77 -2.06
CA ILE B 78 -26.03 5.16 -2.02
C ILE B 78 -25.94 3.66 -1.79
N GLY B 79 -26.47 3.19 -0.66
CA GLY B 79 -26.39 1.78 -0.30
C GLY B 79 -24.97 1.33 0.03
N SER B 80 -24.33 2.04 0.94
CA SER B 80 -22.93 1.75 1.29
C SER B 80 -22.75 0.33 1.78
N GLY B 81 -23.75 -0.21 2.47
CA GLY B 81 -23.59 -1.49 3.12
C GLY B 81 -22.48 -1.37 4.14
N PRO B 82 -21.70 -2.44 4.33
CA PRO B 82 -20.62 -2.35 5.32
C PRO B 82 -19.25 -2.06 4.71
N THR B 83 -19.21 -1.44 3.53
CA THR B 83 -17.94 -1.22 2.84
C THR B 83 -17.60 0.25 2.64
N VAL B 84 -16.31 0.54 2.55
CA VAL B 84 -15.81 1.90 2.36
C VAL B 84 -14.86 2.04 1.16
N TYR B 85 -14.46 0.93 0.57
CA TYR B 85 -13.52 0.96 -0.56
C TYR B 85 -14.00 1.91 -1.66
N GLN B 86 -15.31 1.97 -1.86
CA GLN B 86 -15.89 2.76 -2.95
C GLN B 86 -15.71 4.27 -2.76
N LEU B 87 -15.09 4.68 -1.66
CA LEU B 87 -14.89 6.09 -1.36
C LEU B 87 -13.41 6.46 -1.20
N LEU B 88 -12.54 5.46 -1.37
CA LEU B 88 -11.12 5.67 -1.14
C LEU B 88 -10.54 6.75 -2.06
N SER B 89 -10.86 6.69 -3.34
CA SER B 89 -10.39 7.72 -4.27
C SER B 89 -11.27 8.97 -4.24
N ALA B 90 -12.53 8.82 -3.86
CA ALA B 90 -13.45 9.95 -3.82
C ALA B 90 -13.11 10.98 -2.74
N CYS B 91 -12.62 10.51 -1.60
CA CYS B 91 -12.56 11.36 -0.41
C CYS B 91 -11.62 12.56 -0.50
N SER B 92 -10.68 12.54 -1.44
CA SER B 92 -9.83 13.71 -1.63
C SER B 92 -10.50 14.80 -2.47
N HIS B 93 -11.70 14.50 -2.97
CA HIS B 93 -12.40 15.45 -3.86
C HIS B 93 -13.69 16.00 -3.27
N PHE B 94 -14.11 15.51 -2.11
CA PHE B 94 -15.32 16.01 -1.48
C PHE B 94 -15.18 16.26 0.02
N GLU B 95 -15.43 17.49 0.45
CA GLU B 95 -15.33 17.88 1.86
C GLU B 95 -16.35 17.14 2.69
N ASP B 96 -17.54 16.96 2.12
CA ASP B 96 -18.66 16.45 2.88
C ASP B 96 -19.21 15.18 2.25
N ILE B 97 -19.06 14.07 2.97
CA ILE B 97 -19.50 12.77 2.47
C ILE B 97 -20.59 12.16 3.35
N THR B 98 -21.69 11.75 2.72
CA THR B 98 -22.77 11.06 3.39
C THR B 98 -22.75 9.57 3.01
N MET B 99 -22.67 8.69 4.00
CA MET B 99 -22.82 7.26 3.74
C MET B 99 -24.25 6.85 4.11
N THR B 100 -24.75 5.76 3.51
CA THR B 100 -26.14 5.37 3.73
C THR B 100 -26.32 3.86 3.65
N ASP B 101 -27.27 3.33 4.42
CA ASP B 101 -27.75 1.97 4.18
C ASP B 101 -29.11 1.68 4.79
N PHE B 102 -29.79 0.71 4.18
CA PHE B 102 -31.10 0.26 4.63
C PHE B 102 -31.02 -0.41 5.98
N LEU B 103 -29.96 -1.18 6.21
CA LEU B 103 -29.84 -2.01 7.40
C LEU B 103 -29.02 -1.37 8.50
N GLU B 104 -29.58 -1.36 9.71
CA GLU B 104 -28.88 -0.84 10.87
C GLU B 104 -27.57 -1.60 11.12
N VAL B 105 -27.57 -2.90 10.88
CA VAL B 105 -26.38 -3.71 11.12
C VAL B 105 -25.21 -3.29 10.23
N ASN B 106 -25.49 -2.79 9.04
CA ASN B 106 -24.45 -2.27 8.17
C ASN B 106 -23.93 -0.94 8.69
N ARG B 107 -24.86 -0.06 9.08
CA ARG B 107 -24.51 1.24 9.63
C ARG B 107 -23.64 1.07 10.86
N GLN B 108 -23.94 0.06 11.68
CA GLN B 108 -23.13 -0.24 12.87
C GLN B 108 -21.73 -0.65 12.49
N GLU B 109 -21.60 -1.50 11.47
CA GLU B 109 -20.29 -1.91 10.99
C GLU B 109 -19.47 -0.70 10.52
N LEU B 110 -20.11 0.23 9.82
CA LEU B 110 -19.44 1.47 9.40
C LEU B 110 -19.03 2.27 10.64
N GLY B 111 -19.90 2.29 11.64
CA GLY B 111 -19.62 2.94 12.90
C GLY B 111 -18.34 2.40 13.53
N ARG B 112 -18.17 1.08 13.48
CA ARG B 112 -17.00 0.45 14.05
C ARG B 112 -15.73 0.88 13.31
N TRP B 113 -15.81 0.95 11.98
CA TRP B 113 -14.65 1.37 11.21
C TRP B 113 -14.32 2.84 11.49
N LEU B 114 -15.35 3.68 11.53
CA LEU B 114 -15.15 5.10 11.77
C LEU B 114 -14.45 5.37 13.11
N GLN B 115 -14.69 4.50 14.10
CA GLN B 115 -14.08 4.64 15.41
C GLN B 115 -12.72 3.98 15.46
N GLU B 116 -12.34 3.35 14.35
CA GLU B 116 -11.04 2.74 14.26
C GLU B 116 -10.89 1.64 15.29
N GLU B 117 -11.99 0.94 15.56
CA GLU B 117 -11.96 -0.18 16.49
C GLU B 117 -11.28 -1.39 15.86
N PRO B 118 -10.59 -2.20 16.68
CA PRO B 118 -9.89 -3.39 16.19
C PRO B 118 -10.86 -4.44 15.66
N GLY B 119 -12.07 -4.48 16.22
CA GLY B 119 -13.07 -5.42 15.78
C GLY B 119 -13.64 -5.11 14.40
N ALA B 120 -13.33 -3.93 13.89
CA ALA B 120 -13.84 -3.50 12.59
C ALA B 120 -13.19 -4.27 11.46
N PHE B 121 -13.89 -4.39 10.33
CA PHE B 121 -13.26 -4.96 9.15
C PHE B 121 -12.02 -4.15 8.80
N ASN B 122 -11.00 -4.84 8.33
CA ASN B 122 -9.74 -4.22 7.98
C ASN B 122 -9.67 -3.87 6.50
N TRP B 123 -9.78 -2.58 6.18
CA TRP B 123 -9.76 -2.11 4.79
C TRP B 123 -8.38 -1.69 4.30
N SER B 124 -7.35 -1.90 5.12
CA SER B 124 -6.02 -1.32 4.84
C SER B 124 -5.35 -1.80 3.54
N MET B 125 -5.66 -3.02 3.08
CA MET B 125 -5.15 -3.48 1.79
C MET B 125 -5.74 -2.66 0.65
N TYR B 126 -7.03 -2.36 0.76
CA TYR B 126 -7.72 -1.52 -0.22
C TYR B 126 -7.19 -0.08 -0.16
N SER B 127 -7.03 0.45 1.05
CA SER B 127 -6.47 1.78 1.21
C SER B 127 -5.08 1.89 0.60
N GLN B 128 -4.24 0.90 0.88
CA GLN B 128 -2.90 0.87 0.31
C GLN B 128 -2.96 0.80 -1.22
N HIS B 129 -3.80 -0.08 -1.74
CA HIS B 129 -3.87 -0.26 -3.19
C HIS B 129 -4.35 1.01 -3.90
N ALA B 130 -5.31 1.70 -3.29
CA ALA B 130 -5.75 2.99 -3.82
C ALA B 130 -4.61 4.00 -3.82
N CYS B 131 -3.83 4.02 -2.74
CA CYS B 131 -2.67 4.91 -2.66
C CYS B 131 -1.69 4.58 -3.78
N LEU B 132 -1.52 3.28 -4.02
CA LEU B 132 -0.62 2.78 -5.05
C LEU B 132 -1.01 3.25 -6.46
N ILE B 133 -2.30 3.14 -6.80
CA ILE B 133 -2.72 3.46 -8.16
C ILE B 133 -3.03 4.95 -8.38
N GLU B 134 -3.33 5.67 -7.30
CA GLU B 134 -3.55 7.11 -7.43
C GLU B 134 -2.23 7.81 -7.77
N GLY B 135 -1.12 7.18 -7.39
CA GLY B 135 0.20 7.62 -7.83
C GLY B 135 0.74 8.91 -7.23
N LYS B 136 0.23 9.30 -6.07
CA LYS B 136 0.67 10.54 -5.42
C LYS B 136 1.61 10.29 -4.26
N GLY B 137 1.96 9.02 -4.04
CA GLY B 137 2.87 8.66 -2.97
C GLY B 137 2.26 8.79 -1.58
N GLU B 138 0.94 8.88 -1.50
CA GLU B 138 0.26 8.98 -0.22
C GLU B 138 0.38 7.68 0.58
N CYS B 139 0.61 7.78 1.89
CA CYS B 139 0.58 6.57 2.72
C CYS B 139 -0.87 6.24 3.05
N TRP B 140 -1.14 4.98 3.35
CA TRP B 140 -2.52 4.54 3.53
C TRP B 140 -3.16 5.05 4.84
N GLN B 141 -2.33 5.27 5.86
CA GLN B 141 -2.82 5.82 7.11
C GLN B 141 -3.42 7.21 6.90
N ASP B 142 -2.81 7.99 6.01
CA ASP B 142 -3.30 9.33 5.69
C ASP B 142 -4.59 9.27 4.90
N LYS B 143 -4.66 8.34 3.95
CA LYS B 143 -5.87 8.17 3.14
C LYS B 143 -7.05 7.83 4.06
N GLU B 144 -6.84 6.88 4.98
CA GLU B 144 -7.90 6.45 5.88
C GLU B 144 -8.33 7.55 6.85
N ARG B 145 -7.35 8.33 7.30
CA ARG B 145 -7.63 9.43 8.22
C ARG B 145 -8.51 10.48 7.52
N GLN B 146 -8.19 10.76 6.26
CA GLN B 146 -8.98 11.73 5.49
C GLN B 146 -10.42 11.25 5.22
N LEU B 147 -10.59 9.96 4.94
CA LEU B 147 -11.93 9.41 4.73
C LEU B 147 -12.76 9.51 6.01
N ARG B 148 -12.19 9.07 7.13
CA ARG B 148 -12.86 9.17 8.42
C ARG B 148 -13.26 10.61 8.75
N ALA B 149 -12.41 11.56 8.40
CA ALA B 149 -12.68 12.97 8.71
C ALA B 149 -13.80 13.53 7.84
N ARG B 150 -13.95 13.00 6.63
CA ARG B 150 -14.88 13.59 5.67
C ARG B 150 -16.26 12.94 5.63
N VAL B 151 -16.41 11.78 6.27
CA VAL B 151 -17.73 11.17 6.43
C VAL B 151 -18.48 11.91 7.55
N LYS B 152 -19.44 12.75 7.16
CA LYS B 152 -20.13 13.62 8.12
C LYS B 152 -21.38 13.02 8.73
N ARG B 153 -21.85 11.91 8.17
CA ARG B 153 -23.08 11.27 8.64
C ARG B 153 -23.29 9.91 7.96
N VAL B 154 -23.97 9.02 8.67
CA VAL B 154 -24.35 7.72 8.12
C VAL B 154 -25.85 7.54 8.34
N LEU B 155 -26.60 7.44 7.24
CA LEU B 155 -28.05 7.61 7.28
C LEU B 155 -28.80 6.39 6.76
N PRO B 156 -29.99 6.15 7.32
CA PRO B 156 -30.88 5.13 6.76
C PRO B 156 -31.30 5.57 5.36
N ILE B 157 -31.59 4.61 4.49
CA ILE B 157 -32.02 4.94 3.14
C ILE B 157 -32.87 3.82 2.57
N ASP B 158 -33.89 4.20 1.78
CA ASP B 158 -34.69 3.24 1.02
C ASP B 158 -34.89 3.79 -0.39
N VAL B 159 -34.19 3.21 -1.37
CA VAL B 159 -34.21 3.73 -2.73
C VAL B 159 -35.56 3.55 -3.42
N HIS B 160 -36.45 2.75 -2.83
CA HIS B 160 -37.77 2.54 -3.42
C HIS B 160 -38.72 3.68 -3.09
N GLN B 161 -38.39 4.48 -2.09
CA GLN B 161 -39.19 5.65 -1.74
C GLN B 161 -38.86 6.80 -2.68
N PRO B 162 -39.86 7.62 -3.02
CA PRO B 162 -39.65 8.78 -3.87
C PRO B 162 -38.62 9.74 -3.28
N GLN B 163 -38.58 9.81 -1.95
CA GLN B 163 -37.51 10.52 -1.24
C GLN B 163 -36.70 9.50 -0.45
N PRO B 164 -35.63 8.96 -1.05
CA PRO B 164 -34.93 7.81 -0.46
C PRO B 164 -34.41 8.07 0.95
N LEU B 165 -34.06 9.32 1.25
CA LEU B 165 -33.54 9.67 2.57
C LEU B 165 -34.62 10.15 3.53
N GLY B 166 -35.85 10.23 3.04
CA GLY B 166 -36.94 10.74 3.84
C GLY B 166 -37.14 12.22 3.63
N ALA B 167 -38.09 12.81 4.35
CA ALA B 167 -38.33 14.24 4.25
C ALA B 167 -37.62 14.98 5.39
N GLY B 168 -36.94 16.07 5.04
CA GLY B 168 -36.20 16.85 6.01
C GLY B 168 -34.97 16.13 6.53
N SER B 169 -34.30 15.38 5.66
CA SER B 169 -33.11 14.64 6.04
C SER B 169 -31.96 15.59 6.36
N PRO B 170 -30.97 15.09 7.12
CA PRO B 170 -29.78 15.85 7.47
C PRO B 170 -28.91 16.15 6.25
N ALA B 171 -29.01 15.31 5.24
CA ALA B 171 -28.08 15.38 4.12
C ALA B 171 -28.18 16.71 3.39
N PRO B 172 -27.01 17.25 2.98
CA PRO B 172 -26.97 18.45 2.15
C PRO B 172 -27.54 18.15 0.76
N LEU B 173 -28.69 18.74 0.43
CA LEU B 173 -29.29 18.47 -0.86
C LEU B 173 -29.49 19.76 -1.66
N PRO B 174 -29.29 19.68 -2.98
CA PRO B 174 -28.87 18.45 -3.66
C PRO B 174 -27.37 18.28 -3.57
N ALA B 175 -26.89 17.03 -3.73
CA ALA B 175 -25.47 16.73 -3.67
C ALA B 175 -24.79 17.07 -4.99
N ASP B 176 -23.47 17.22 -4.96
CA ASP B 176 -22.70 17.47 -6.18
C ASP B 176 -22.41 16.17 -6.93
N ALA B 177 -22.44 15.04 -6.22
CA ALA B 177 -22.13 13.75 -6.84
C ALA B 177 -22.71 12.58 -6.06
N LEU B 178 -23.00 11.50 -6.77
CA LEU B 178 -23.47 10.27 -6.15
C LEU B 178 -22.50 9.12 -6.46
N VAL B 179 -22.32 8.24 -5.49
CA VAL B 179 -21.62 6.98 -5.72
C VAL B 179 -22.58 5.88 -5.31
N SER B 180 -22.57 4.77 -6.03
CA SER B 180 -23.39 3.64 -5.63
C SER B 180 -22.83 2.35 -6.19
N ALA B 181 -22.54 1.42 -5.30
CA ALA B 181 -21.94 0.15 -5.72
C ALA B 181 -22.79 -1.02 -5.28
N PHE B 182 -23.24 -1.80 -6.27
CA PHE B 182 -23.94 -3.05 -6.02
C PHE B 182 -25.18 -2.90 -5.14
N CYS B 183 -25.89 -1.79 -5.30
CA CYS B 183 -27.11 -1.57 -4.55
C CYS B 183 -28.38 -1.75 -5.39
N LEU B 184 -28.58 -0.91 -6.40
CA LEU B 184 -29.85 -0.87 -7.12
C LEU B 184 -30.32 -2.24 -7.63
N GLU B 185 -29.46 -2.94 -8.36
CA GLU B 185 -29.83 -4.24 -8.90
C GLU B 185 -29.97 -5.32 -7.81
N ALA B 186 -29.37 -5.09 -6.65
CA ALA B 186 -29.42 -6.07 -5.57
C ALA B 186 -30.65 -5.94 -4.68
N VAL B 187 -31.44 -4.89 -4.90
CA VAL B 187 -32.60 -4.63 -4.07
C VAL B 187 -33.87 -4.44 -4.90
N SER B 188 -33.75 -4.61 -6.21
CA SER B 188 -34.87 -4.41 -7.13
C SER B 188 -35.33 -5.75 -7.72
N PRO B 189 -36.60 -6.11 -7.49
CA PRO B 189 -37.16 -7.38 -7.99
C PRO B 189 -37.14 -7.47 -9.51
N ASP B 190 -37.27 -6.34 -10.20
CA ASP B 190 -37.30 -6.35 -11.66
C ASP B 190 -36.74 -5.06 -12.25
N LEU B 191 -36.67 -5.02 -13.58
CA LEU B 191 -36.10 -3.88 -14.29
C LEU B 191 -36.87 -2.57 -14.07
N ALA B 192 -38.20 -2.67 -14.02
CA ALA B 192 -39.03 -1.48 -13.77
C ALA B 192 -38.75 -0.90 -12.39
N SER B 193 -38.50 -1.79 -11.43
CA SER B 193 -38.16 -1.40 -10.07
C SER B 193 -36.77 -0.74 -10.05
N PHE B 194 -35.83 -1.35 -10.76
CA PHE B 194 -34.48 -0.82 -10.91
C PHE B 194 -34.53 0.61 -11.47
N GLN B 195 -35.33 0.78 -12.52
CA GLN B 195 -35.47 2.08 -13.18
C GLN B 195 -36.03 3.12 -12.22
N ARG B 196 -37.08 2.76 -11.51
CA ARG B 196 -37.70 3.67 -10.53
C ARG B 196 -36.71 4.03 -9.40
N ALA B 197 -35.98 3.03 -8.91
CA ALA B 197 -34.97 3.28 -7.88
C ALA B 197 -33.93 4.29 -8.39
N LEU B 198 -33.50 4.12 -9.63
CA LEU B 198 -32.56 5.07 -10.25
C LEU B 198 -33.17 6.48 -10.33
N ASP B 199 -34.44 6.55 -10.73
CA ASP B 199 -35.17 7.82 -10.76
C ASP B 199 -35.17 8.49 -9.39
N HIS B 200 -35.45 7.71 -8.34
CA HIS B 200 -35.50 8.25 -6.98
C HIS B 200 -34.17 8.86 -6.51
N ILE B 201 -33.08 8.13 -6.67
CA ILE B 201 -31.79 8.64 -6.22
C ILE B 201 -31.33 9.84 -7.05
N THR B 202 -31.81 9.91 -8.29
CA THR B 202 -31.43 11.00 -9.18
C THR B 202 -32.00 12.34 -8.69
N THR B 203 -33.09 12.29 -7.93
CA THR B 203 -33.64 13.51 -7.34
C THR B 203 -32.69 14.13 -6.32
N LEU B 204 -31.71 13.36 -5.86
CA LEU B 204 -30.77 13.82 -4.83
C LEU B 204 -29.56 14.56 -5.42
N LEU B 205 -29.39 14.44 -6.74
CA LEU B 205 -28.23 14.98 -7.42
C LEU B 205 -28.57 16.28 -8.12
N ARG B 206 -27.68 17.27 -8.03
CA ARG B 206 -27.90 18.53 -8.72
C ARG B 206 -27.75 18.32 -10.22
N PRO B 207 -28.43 19.15 -11.02
CA PRO B 207 -28.23 19.10 -12.47
C PRO B 207 -26.75 19.35 -12.76
N GLY B 208 -26.17 18.64 -13.72
CA GLY B 208 -24.76 18.78 -14.02
C GLY B 208 -23.86 17.99 -13.08
N GLY B 209 -24.45 17.35 -12.08
CA GLY B 209 -23.71 16.52 -11.16
C GLY B 209 -23.42 15.13 -11.71
N HIS B 210 -22.47 14.43 -11.10
CA HIS B 210 -22.05 13.12 -11.59
C HIS B 210 -22.49 11.95 -10.71
N LEU B 211 -22.77 10.84 -11.36
CA LEU B 211 -23.08 9.58 -10.67
C LEU B 211 -22.07 8.54 -11.10
N LEU B 212 -21.45 7.88 -10.13
CA LEU B 212 -20.58 6.75 -10.41
C LEU B 212 -21.30 5.50 -9.95
N LEU B 213 -21.64 4.62 -10.90
CA LEU B 213 -22.46 3.47 -10.59
C LEU B 213 -21.71 2.20 -10.92
N ILE B 214 -21.51 1.36 -9.91
CA ILE B 214 -20.90 0.05 -10.10
C ILE B 214 -21.94 -1.02 -9.78
N GLY B 215 -21.95 -2.11 -10.54
CA GLY B 215 -22.94 -3.14 -10.29
C GLY B 215 -22.70 -4.46 -10.97
N ALA B 216 -23.47 -5.47 -10.55
CA ALA B 216 -23.37 -6.81 -11.09
C ALA B 216 -24.15 -6.95 -12.40
N LEU B 217 -23.58 -7.69 -13.36
CA LEU B 217 -24.26 -7.95 -14.63
C LEU B 217 -24.79 -9.37 -14.68
N GLU B 218 -26.02 -9.54 -15.17
CA GLU B 218 -26.63 -10.85 -15.33
C GLU B 218 -26.54 -11.72 -14.07
N GLU B 219 -26.79 -11.10 -12.92
CA GLU B 219 -26.80 -11.84 -11.67
C GLU B 219 -28.23 -12.02 -11.17
N SER B 220 -28.54 -13.20 -10.66
CA SER B 220 -29.89 -13.46 -10.15
C SER B 220 -29.91 -13.79 -8.65
N TRP B 221 -28.74 -14.09 -8.08
CA TRP B 221 -28.67 -14.35 -6.64
C TRP B 221 -27.26 -14.19 -6.04
N TYR B 222 -27.21 -13.85 -4.76
CA TYR B 222 -25.95 -13.90 -4.02
C TYR B 222 -26.20 -14.27 -2.56
N LEU B 223 -25.13 -14.71 -1.89
CA LEU B 223 -25.23 -15.16 -0.50
C LEU B 223 -24.62 -14.17 0.48
N ALA B 224 -25.30 -13.98 1.61
CA ALA B 224 -24.78 -13.17 2.70
C ALA B 224 -25.04 -13.89 4.02
N GLY B 225 -24.49 -15.08 4.16
CA GLY B 225 -24.71 -15.91 5.33
C GLY B 225 -25.89 -16.84 5.12
N GLU B 226 -26.89 -16.72 5.98
CA GLU B 226 -28.12 -17.49 5.83
C GLU B 226 -28.97 -16.88 4.72
N ALA B 227 -28.84 -15.56 4.57
CA ALA B 227 -29.59 -14.84 3.54
C ALA B 227 -29.08 -15.15 2.14
N ARG B 228 -29.97 -15.69 1.31
CA ARG B 228 -29.72 -15.84 -0.11
C ARG B 228 -30.67 -14.92 -0.87
N LEU B 229 -30.13 -13.82 -1.40
CA LEU B 229 -30.98 -12.76 -1.93
C LEU B 229 -31.18 -12.81 -3.43
N THR B 230 -32.33 -12.31 -3.87
CA THR B 230 -32.70 -12.30 -5.28
C THR B 230 -32.30 -11.01 -5.95
N VAL B 231 -31.68 -11.12 -7.12
CA VAL B 231 -31.15 -9.98 -7.86
C VAL B 231 -31.80 -9.95 -9.24
N VAL B 232 -32.12 -8.75 -9.71
CA VAL B 232 -32.57 -8.62 -11.10
C VAL B 232 -31.35 -8.66 -12.01
N PRO B 233 -31.30 -9.67 -12.90
CA PRO B 233 -30.19 -9.75 -13.85
C PRO B 233 -30.32 -8.62 -14.87
N VAL B 234 -29.31 -7.77 -14.98
CA VAL B 234 -29.33 -6.68 -15.94
C VAL B 234 -28.14 -6.79 -16.88
N SER B 235 -28.31 -6.26 -18.09
CA SER B 235 -27.23 -6.25 -19.05
C SER B 235 -26.65 -4.86 -19.09
N GLU B 236 -25.54 -4.70 -19.80
CA GLU B 236 -24.94 -3.40 -19.96
C GLU B 236 -25.88 -2.45 -20.69
N GLU B 237 -26.60 -2.98 -21.68
CA GLU B 237 -27.45 -2.13 -22.51
C GLU B 237 -28.71 -1.70 -21.75
N GLU B 238 -29.18 -2.57 -20.85
CA GLU B 238 -30.25 -2.20 -19.93
C GLU B 238 -29.79 -1.13 -18.92
N VAL B 239 -28.53 -1.19 -18.52
CA VAL B 239 -27.99 -0.17 -17.62
C VAL B 239 -27.88 1.16 -18.34
N ARG B 240 -27.36 1.14 -19.56
CA ARG B 240 -27.21 2.36 -20.34
C ARG B 240 -28.56 3.03 -20.56
N GLU B 241 -29.55 2.25 -20.93
CA GLU B 241 -30.88 2.80 -21.23
C GLU B 241 -31.54 3.40 -19.98
N ALA B 242 -31.45 2.72 -18.85
CA ALA B 242 -32.01 3.25 -17.62
C ALA B 242 -31.39 4.60 -17.28
N LEU B 243 -30.08 4.72 -17.46
CA LEU B 243 -29.37 5.97 -17.20
C LEU B 243 -29.88 7.09 -18.11
N VAL B 244 -29.97 6.79 -19.41
CA VAL B 244 -30.52 7.73 -20.36
C VAL B 244 -31.95 8.11 -19.98
N ARG B 245 -32.74 7.10 -19.61
CA ARG B 245 -34.13 7.27 -19.22
C ARG B 245 -34.26 8.21 -18.01
N SER B 246 -33.25 8.21 -17.15
CA SER B 246 -33.30 8.99 -15.93
C SER B 246 -32.79 10.42 -16.12
N GLY B 247 -32.26 10.70 -17.30
CA GLY B 247 -31.79 12.04 -17.61
C GLY B 247 -30.29 12.23 -17.48
N TYR B 248 -29.53 11.17 -17.76
CA TYR B 248 -28.07 11.25 -17.71
C TYR B 248 -27.49 11.18 -19.11
N LYS B 249 -26.35 11.84 -19.29
CA LYS B 249 -25.46 11.56 -20.40
C LYS B 249 -24.45 10.53 -19.89
N VAL B 250 -24.25 9.47 -20.64
CA VAL B 250 -23.28 8.44 -20.24
C VAL B 250 -21.90 8.85 -20.74
N ARG B 251 -20.99 9.09 -19.81
CA ARG B 251 -19.63 9.49 -20.15
C ARG B 251 -18.73 8.26 -20.29
N ASP B 252 -19.01 7.24 -19.49
CA ASP B 252 -18.21 6.02 -19.50
C ASP B 252 -19.05 4.85 -19.01
N LEU B 253 -18.87 3.70 -19.65
CA LEU B 253 -19.55 2.49 -19.22
C LEU B 253 -18.69 1.28 -19.58
N ARG B 254 -18.00 0.72 -18.61
CA ARG B 254 -17.13 -0.40 -18.90
C ARG B 254 -17.60 -1.68 -18.27
N THR B 255 -17.13 -2.79 -18.81
CA THR B 255 -17.56 -4.11 -18.37
C THR B 255 -16.36 -4.96 -17.98
N TYR B 256 -16.47 -5.59 -16.81
CA TYR B 256 -15.49 -6.57 -16.37
C TYR B 256 -16.16 -7.93 -16.44
N ILE B 257 -15.52 -8.87 -17.12
CA ILE B 257 -16.04 -10.23 -17.18
C ILE B 257 -15.43 -11.05 -16.06
N MET B 258 -16.28 -11.65 -15.23
CA MET B 258 -15.81 -12.39 -14.07
C MET B 258 -15.06 -13.66 -14.47
N PRO B 259 -13.77 -13.75 -14.10
CA PRO B 259 -12.97 -14.94 -14.39
C PRO B 259 -13.55 -16.17 -13.70
N ALA B 260 -13.45 -17.33 -14.34
CA ALA B 260 -14.03 -18.55 -13.79
C ALA B 260 -13.48 -18.87 -12.40
N HIS B 261 -12.22 -18.52 -12.17
CA HIS B 261 -11.58 -18.81 -10.89
C HIS B 261 -12.08 -17.88 -9.78
N LEU B 262 -12.84 -16.87 -10.14
CA LEU B 262 -13.46 -15.99 -9.15
C LEU B 262 -14.95 -16.30 -9.00
N GLN B 263 -15.41 -17.34 -9.68
CA GLN B 263 -16.80 -17.79 -9.50
C GLN B 263 -16.85 -18.83 -8.39
N THR B 264 -17.08 -18.36 -7.17
CA THR B 264 -16.86 -19.14 -5.96
C THR B 264 -18.13 -19.79 -5.38
N GLY B 265 -19.27 -19.54 -6.02
CA GLY B 265 -20.52 -20.08 -5.53
C GLY B 265 -21.21 -19.18 -4.53
N VAL B 266 -20.68 -17.97 -4.36
CA VAL B 266 -21.31 -16.98 -3.49
C VAL B 266 -22.35 -16.17 -4.27
N ASP B 267 -22.38 -16.37 -5.59
CA ASP B 267 -23.34 -15.70 -6.47
C ASP B 267 -23.28 -16.31 -7.86
N ASP B 268 -24.13 -15.84 -8.77
CA ASP B 268 -24.03 -16.26 -10.17
C ASP B 268 -23.73 -15.06 -11.08
N VAL B 269 -22.95 -14.12 -10.55
CA VAL B 269 -22.57 -12.93 -11.29
C VAL B 269 -21.75 -13.29 -12.53
N LYS B 270 -22.08 -12.67 -13.66
CA LYS B 270 -21.35 -12.95 -14.89
C LYS B 270 -20.30 -11.87 -15.17
N GLY B 271 -20.54 -10.67 -14.65
CA GLY B 271 -19.61 -9.58 -14.84
C GLY B 271 -19.96 -8.38 -13.98
N VAL B 272 -19.16 -7.34 -14.10
CA VAL B 272 -19.37 -6.12 -13.33
C VAL B 272 -19.33 -4.94 -14.28
N PHE B 273 -20.22 -3.97 -14.06
CA PHE B 273 -20.23 -2.77 -14.89
C PHE B 273 -19.84 -1.56 -14.05
N PHE B 274 -19.17 -0.62 -14.70
CA PHE B 274 -18.89 0.67 -14.09
C PHE B 274 -19.40 1.76 -15.02
N ALA B 275 -20.32 2.57 -14.52
CA ALA B 275 -20.86 3.66 -15.31
C ALA B 275 -20.49 5.01 -14.70
N TRP B 276 -19.95 5.89 -15.55
CA TRP B 276 -19.79 7.30 -15.19
C TRP B 276 -20.86 8.09 -15.97
N ALA B 277 -21.79 8.69 -15.23
CA ALA B 277 -22.90 9.39 -15.86
C ALA B 277 -23.06 10.79 -15.27
N GLN B 278 -23.48 11.73 -16.10
CA GLN B 278 -23.65 13.11 -15.68
C GLN B 278 -25.09 13.55 -15.89
N LYS B 279 -25.72 14.02 -14.83
CA LYS B 279 -27.12 14.43 -14.87
C LYS B 279 -27.31 15.66 -15.75
N VAL B 280 -28.23 15.57 -16.70
CA VAL B 280 -28.51 16.66 -17.62
C VAL B 280 -29.08 17.88 -16.92
N GLY B 281 -28.42 19.03 -17.10
CA GLY B 281 -28.85 20.28 -16.50
C GLY B 281 -27.76 21.34 -16.54
N SAH C . 22.68 -2.38 7.74
CA SAH C . 21.61 -2.17 8.71
CB SAH C . 22.16 -2.17 10.15
CG SAH C . 23.49 -1.40 10.25
SD SAH C . 24.06 -1.49 11.99
C SAH C . 20.87 -0.86 8.45
O SAH C . 20.80 -0.40 7.35
OXT SAH C . 20.13 -0.30 9.48
C5' SAH C . 25.85 -1.83 11.98
C4' SAH C . 26.06 -3.33 11.75
O4' SAH C . 27.47 -3.64 11.53
C3' SAH C . 25.61 -4.18 12.96
O3' SAH C . 24.66 -5.11 12.53
C2' SAH C . 26.88 -4.87 13.37
O2' SAH C . 26.62 -6.13 13.95
C1' SAH C . 27.62 -5.00 12.05
N9 SAH C . 29.02 -5.22 12.37
C8 SAH C . 29.63 -5.00 13.71
N7 SAH C . 31.05 -5.33 13.60
C5 SAH C . 31.32 -5.74 12.21
C6 SAH C . 32.58 -6.18 11.54
N6 SAH C . 33.81 -6.24 12.29
N1 SAH C . 32.55 -6.53 10.11
C2 SAH C . 31.26 -6.47 9.35
N3 SAH C . 30.01 -6.02 10.02
C4 SAH C . 30.04 -5.67 11.45
C1 FAN D . 20.16 6.85 10.93
C2 FAN D . 21.13 6.06 11.61
C3 FAN D . 21.09 4.62 11.51
C4 FAN D . 20.06 4.02 10.72
C5 FAN D . 19.08 4.82 10.05
C6 FAN D . 19.12 6.24 10.15
C7 FAN D . 23.47 4.08 12.44
N1 FAN D . 22.06 3.75 12.18
O1 FAN D . 23.83 4.76 13.34
N SAH E . -22.11 -0.75 -1.41
CA SAH E . -21.61 -2.01 -0.85
CB SAH E . -22.76 -2.95 -0.41
CG SAH E . -23.48 -3.67 -1.57
SD SAH E . -24.71 -4.86 -0.90
C SAH E . -20.64 -2.65 -1.85
O SAH E . -20.07 -1.97 -2.65
OXT SAH E . -20.21 -3.96 -1.63
C5' SAH E . -26.39 -4.24 -1.21
C4' SAH E . -26.80 -3.24 -0.13
O4' SAH E . -28.09 -2.64 -0.43
C3' SAH E . -26.93 -3.87 1.27
O3' SAH E . -26.13 -3.15 2.18
C2' SAH E . -28.39 -3.65 1.59
O2' SAH E . -28.63 -3.52 2.97
C1' SAH E . -28.69 -2.35 0.85
N9 SAH E . -30.13 -2.25 0.69
C8 SAH E . -31.13 -3.33 0.93
N7 SAH E . -32.45 -2.79 0.67
C5 SAH E . -32.29 -1.37 0.29
C6 SAH E . -33.29 -0.31 -0.10
N6 SAH E . -34.71 -0.61 -0.13
N1 SAH E . -32.82 1.03 -0.44
C2 SAH E . -31.36 1.35 -0.41
N3 SAH E . -30.38 0.30 -0.04
C4 SAH E . -30.84 -1.06 0.31
C1 FAN F . -19.58 -7.15 -4.99
C2 FAN F . -20.75 -7.89 -5.30
C3 FAN F . -20.71 -8.86 -6.36
C4 FAN F . -19.50 -9.09 -7.08
C5 FAN F . -18.31 -8.35 -6.76
C6 FAN F . -18.36 -7.38 -5.71
C7 FAN F . -23.15 -9.69 -5.95
N1 FAN F . -21.90 -9.66 -6.72
O1 FAN F . -23.48 -8.80 -5.23
#